data_7PJO
#
_entry.id   7PJO
#
_cell.length_a   44.780
_cell.length_b   77.545
_cell.length_c   161.722
_cell.angle_alpha   90.000
_cell.angle_beta   90.000
_cell.angle_gamma   90.000
#
_symmetry.space_group_name_H-M   'P 21 21 21'
#
loop_
_entity.id
_entity.type
_entity.pdbx_description
1 polymer CPR-C4
2 non-polymer 'PHOSPHATE ION'
3 water water
#
_entity_poly.entity_id   1
_entity_poly.type   'polypeptide(L)'
_entity_poly.pdbx_seq_one_letter_code
;GHMASMTGGQQMGRGSMHYKAQLQKLLTTEEKKILARLSTPQKIQDFLDTIKNKDLAEGEHTMWSPRAVLKHKHAHCMEG
AMLAALALAYHGHSPLLMDLQTTDEDEDHVVALFKIDGHWGAISKTNHPVLRYRDPIYKSVRELAMSYFHEYFIWWTKKN
GGKKTLRAYSNPFDLTRYKPERWVIATGDLDWLAEALDDSKHFPILNKKMQKQLRPASRIETKAASLSEWPKRKTNS
;
_entity_poly.pdbx_strand_id   AAA,BBB
#
# COMPACT_ATOMS: atom_id res chain seq x y z
N GLN A 11 17.08 27.49 1.36
CA GLN A 11 17.50 28.60 0.45
C GLN A 11 16.80 28.42 -0.91
N MET A 12 15.73 29.21 -1.15
CA MET A 12 14.82 29.06 -2.32
C MET A 12 15.47 29.62 -3.59
N GLY A 13 15.27 28.94 -4.73
CA GLY A 13 15.90 29.27 -6.03
C GLY A 13 15.21 30.43 -6.75
N ARG A 14 15.81 30.92 -7.84
CA ARG A 14 15.39 32.14 -8.57
C ARG A 14 13.99 31.90 -9.14
N GLY A 15 13.82 30.80 -9.87
CA GLY A 15 12.54 30.40 -10.51
C GLY A 15 11.42 30.36 -9.49
N SER A 16 11.71 29.75 -8.33
CA SER A 16 10.74 29.57 -7.21
C SER A 16 10.37 30.93 -6.62
N MET A 17 11.34 31.80 -6.38
CA MET A 17 11.10 33.14 -5.76
C MET A 17 10.24 33.96 -6.74
N HIS A 18 10.61 33.93 -8.03
CA HIS A 18 9.84 34.60 -9.11
C HIS A 18 8.39 34.07 -9.11
N TYR A 19 8.22 32.75 -9.19
CA TYR A 19 6.89 32.09 -9.17
C TYR A 19 6.12 32.53 -7.92
N LYS A 20 6.75 32.50 -6.75
CA LYS A 20 6.10 32.96 -5.48
C LYS A 20 5.64 34.42 -5.62
N ALA A 21 6.47 35.30 -6.19
CA ALA A 21 6.13 36.73 -6.42
C ALA A 21 4.85 36.83 -7.25
N GLN A 22 4.75 36.07 -8.34
CA GLN A 22 3.55 36.05 -9.22
C GLN A 22 2.32 35.64 -8.39
N LEU A 23 2.48 34.63 -7.51
CA LEU A 23 1.38 34.12 -6.64
C LEU A 23 0.95 35.22 -5.67
N GLN A 24 1.89 35.97 -5.10
CA GLN A 24 1.60 37.03 -4.11
C GLN A 24 0.80 38.16 -4.77
N LYS A 25 1.07 38.47 -6.03
CA LYS A 25 0.30 39.51 -6.77
C LYS A 25 -1.17 39.11 -6.84
N LEU A 26 -1.48 37.80 -6.94
CA LEU A 26 -2.85 37.28 -7.20
C LEU A 26 -3.64 37.09 -5.90
N LEU A 27 -2.97 36.88 -4.78
CA LEU A 27 -3.61 36.40 -3.53
C LEU A 27 -3.90 37.58 -2.60
N THR A 28 -5.03 37.50 -1.87
CA THR A 28 -5.44 38.41 -0.79
C THR A 28 -4.56 38.14 0.44
N THR A 29 -4.56 39.07 1.39
CA THR A 29 -3.73 39.00 2.62
C THR A 29 -4.16 37.78 3.43
N GLU A 30 -5.46 37.45 3.42
CA GLU A 30 -6.05 36.31 4.17
C GLU A 30 -5.50 35.00 3.59
N GLU A 31 -5.57 34.84 2.26
CA GLU A 31 -5.04 33.68 1.50
C GLU A 31 -3.54 33.48 1.81
N LYS A 32 -2.76 34.58 1.83
CA LYS A 32 -1.29 34.51 2.04
C LYS A 32 -0.98 34.15 3.50
N LYS A 33 -1.81 34.63 4.44
CA LYS A 33 -1.65 34.33 5.90
C LYS A 33 -1.80 32.82 6.11
N ILE A 34 -2.76 32.21 5.41
CA ILE A 34 -3.04 30.75 5.43
C ILE A 34 -1.84 30.00 4.82
N LEU A 35 -1.40 30.37 3.62
CA LEU A 35 -0.32 29.67 2.88
C LEU A 35 1.00 29.78 3.64
N ALA A 36 1.24 30.88 4.35
CA ALA A 36 2.49 31.12 5.12
C ALA A 36 2.58 30.11 6.28
N ARG A 37 1.44 29.74 6.87
CA ARG A 37 1.34 28.79 8.01
C ARG A 37 1.69 27.36 7.54
N LEU A 38 1.31 27.01 6.30
CA LEU A 38 1.36 25.65 5.71
C LEU A 38 2.76 25.43 5.11
N SER A 39 3.77 25.38 5.98
CA SER A 39 5.21 25.51 5.66
C SER A 39 5.88 24.14 5.55
N THR A 40 5.14 23.06 5.78
CA THR A 40 5.62 21.66 5.58
C THR A 40 4.53 20.89 4.88
N PRO A 41 4.88 19.81 4.15
CA PRO A 41 3.86 18.93 3.58
C PRO A 41 2.86 18.41 4.63
N GLN A 42 3.34 18.11 5.83
CA GLN A 42 2.52 17.56 6.92
C GLN A 42 1.51 18.62 7.36
N LYS A 43 1.94 19.88 7.48
CA LYS A 43 1.03 21.00 7.88
C LYS A 43 -0.04 21.16 6.81
N ILE A 44 0.32 20.99 5.53
CA ILE A 44 -0.67 21.07 4.40
C ILE A 44 -1.72 19.96 4.56
N GLN A 45 -1.30 18.72 4.78
CA GLN A 45 -2.24 17.57 4.90
C GLN A 45 -3.15 17.82 6.11
N ASP A 46 -2.58 18.30 7.23
CA ASP A 46 -3.37 18.67 8.45
C ASP A 46 -4.46 19.67 8.04
N PHE A 47 -4.10 20.69 7.24
CA PHE A 47 -5.07 21.71 6.75
C PHE A 47 -6.15 21.03 5.90
N LEU A 48 -5.79 20.16 4.95
CA LEU A 48 -6.80 19.49 4.08
C LEU A 48 -7.72 18.61 4.94
N ASP A 49 -7.24 18.14 6.11
CA ASP A 49 -8.08 17.30 7.02
C ASP A 49 -9.25 18.13 7.58
N THR A 50 -9.12 19.46 7.68
CA THR A 50 -10.15 20.40 8.20
C THR A 50 -11.10 20.86 7.07
N ILE A 51 -10.80 20.54 5.80
CA ILE A 51 -11.69 20.83 4.64
C ILE A 51 -12.68 19.67 4.50
N LYS A 52 -13.96 20.00 4.29
CA LYS A 52 -15.05 19.02 4.08
C LYS A 52 -14.82 18.36 2.72
N ASN A 53 -14.89 17.03 2.66
CA ASN A 53 -14.78 16.26 1.39
C ASN A 53 -16.12 16.37 0.67
N LYS A 54 -16.12 16.54 -0.64
CA LYS A 54 -17.34 16.49 -1.50
C LYS A 54 -17.74 15.04 -1.81
N ASP A 55 -18.99 14.86 -2.27
CA ASP A 55 -19.54 13.58 -2.79
C ASP A 55 -18.80 13.21 -4.09
N HIS A 61 -20.80 17.84 -11.07
CA HIS A 61 -19.36 18.12 -11.30
C HIS A 61 -19.02 19.56 -10.90
N THR A 62 -17.88 19.75 -10.25
CA THR A 62 -17.17 21.04 -10.10
C THR A 62 -15.67 20.80 -10.37
N MET A 63 -14.91 21.88 -10.49
CA MET A 63 -13.42 21.86 -10.50
C MET A 63 -12.96 23.24 -10.04
N TRP A 64 -13.17 23.50 -8.76
CA TRP A 64 -12.86 24.79 -8.09
C TRP A 64 -11.35 25.04 -8.07
N SER A 65 -11.00 26.33 -8.09
CA SER A 65 -9.66 26.89 -7.88
C SER A 65 -9.31 26.78 -6.40
N PRO A 66 -8.02 26.87 -6.05
CA PRO A 66 -7.62 27.02 -4.64
C PRO A 66 -8.33 28.15 -3.90
N ARG A 67 -8.57 29.28 -4.57
CA ARG A 67 -9.34 30.43 -4.02
C ARG A 67 -10.73 29.95 -3.59
N ALA A 68 -11.48 29.33 -4.49
CA ALA A 68 -12.84 28.82 -4.20
C ALA A 68 -12.79 27.83 -3.03
N VAL A 69 -11.79 26.94 -3.01
CA VAL A 69 -11.66 25.91 -1.94
C VAL A 69 -11.41 26.61 -0.60
N LEU A 70 -10.52 27.59 -0.54
CA LEU A 70 -10.28 28.33 0.73
C LEU A 70 -11.54 29.10 1.18
N LYS A 71 -12.37 29.55 0.24
CA LYS A 71 -13.58 30.35 0.51
C LYS A 71 -14.65 29.43 1.12
N HIS A 72 -14.95 28.33 0.43
CA HIS A 72 -16.12 27.43 0.72
C HIS A 72 -15.72 26.23 1.58
N LYS A 73 -14.42 25.97 1.79
CA LYS A 73 -13.86 24.91 2.69
C LYS A 73 -14.47 23.54 2.34
N HIS A 74 -14.52 23.20 1.05
CA HIS A 74 -15.07 21.97 0.44
C HIS A 74 -14.15 21.57 -0.71
N ALA A 75 -13.81 20.29 -0.90
CA ALA A 75 -12.90 19.85 -1.99
C ALA A 75 -13.11 18.37 -2.32
N HIS A 76 -13.10 18.00 -3.61
CA HIS A 76 -12.78 16.63 -4.09
C HIS A 76 -11.25 16.52 -4.25
N CYS A 77 -10.75 15.41 -4.80
CA CYS A 77 -9.31 15.06 -4.76
C CYS A 77 -8.47 16.08 -5.54
N MET A 78 -8.89 16.47 -6.74
CA MET A 78 -8.04 17.36 -7.58
C MET A 78 -8.07 18.79 -7.02
N GLU A 79 -9.19 19.21 -6.46
CA GLU A 79 -9.31 20.52 -5.79
C GLU A 79 -8.37 20.53 -4.59
N GLY A 80 -8.37 19.45 -3.80
CA GLY A 80 -7.45 19.31 -2.65
C GLY A 80 -5.99 19.37 -3.10
N ALA A 81 -5.65 18.64 -4.17
CA ALA A 81 -4.26 18.50 -4.64
C ALA A 81 -3.78 19.84 -5.21
N MET A 82 -4.66 20.59 -5.88
CA MET A 82 -4.27 21.89 -6.50
C MET A 82 -3.98 22.91 -5.39
N LEU A 83 -4.77 22.90 -4.32
CA LEU A 83 -4.55 23.76 -3.13
C LEU A 83 -3.20 23.35 -2.50
N ALA A 84 -2.95 22.05 -2.34
CA ALA A 84 -1.70 21.51 -1.76
C ALA A 84 -0.51 22.00 -2.59
N ALA A 85 -0.57 21.82 -3.91
CA ALA A 85 0.47 22.24 -4.87
C ALA A 85 0.73 23.74 -4.75
N LEU A 86 -0.32 24.55 -4.59
CA LEU A 86 -0.19 26.01 -4.36
C LEU A 86 0.62 26.24 -3.09
N ALA A 87 0.25 25.57 -1.98
CA ALA A 87 0.86 25.78 -0.65
C ALA A 87 2.32 25.31 -0.71
N LEU A 88 2.58 24.20 -1.40
CA LEU A 88 3.97 23.71 -1.61
C LEU A 88 4.77 24.78 -2.37
N ALA A 89 4.22 25.34 -3.44
CA ALA A 89 4.92 26.37 -4.28
C ALA A 89 5.14 27.64 -3.46
N TYR A 90 4.26 27.98 -2.52
CA TYR A 90 4.38 29.21 -1.69
C TYR A 90 5.61 29.11 -0.78
N HIS A 91 6.07 27.89 -0.50
CA HIS A 91 7.29 27.62 0.30
C HIS A 91 8.42 27.07 -0.57
N GLY A 92 8.27 27.08 -1.91
CA GLY A 92 9.41 26.91 -2.84
C GLY A 92 9.51 25.53 -3.46
N HIS A 93 8.59 24.61 -3.19
CA HIS A 93 8.49 23.29 -3.88
C HIS A 93 7.88 23.52 -5.26
N SER A 94 8.16 22.65 -6.24
CA SER A 94 7.40 22.61 -7.51
C SER A 94 5.94 22.21 -7.23
N PRO A 95 4.95 22.91 -7.82
CA PRO A 95 3.55 22.50 -7.68
C PRO A 95 3.29 21.29 -8.60
N LEU A 96 3.43 20.08 -8.05
CA LEU A 96 3.39 18.82 -8.83
C LEU A 96 2.10 18.05 -8.50
N LEU A 97 1.40 17.60 -9.55
CA LEU A 97 0.27 16.67 -9.44
C LEU A 97 0.71 15.32 -9.99
N MET A 98 0.19 14.23 -9.42
CA MET A 98 0.24 12.89 -10.03
C MET A 98 -1.18 12.38 -10.18
N ASP A 99 -1.51 11.97 -11.40
CA ASP A 99 -2.80 11.33 -11.75
C ASP A 99 -2.66 9.82 -11.54
N LEU A 100 -3.62 9.21 -10.86
CA LEU A 100 -3.78 7.74 -10.75
C LEU A 100 -4.97 7.33 -11.60
N GLN A 101 -4.70 6.59 -12.65
CA GLN A 101 -5.62 6.35 -13.77
C GLN A 101 -6.15 4.92 -13.68
N THR A 102 -7.49 4.81 -13.64
CA THR A 102 -8.23 3.54 -13.48
C THR A 102 -8.90 3.17 -14.79
N THR A 103 -9.38 1.93 -14.84
CA THR A 103 -10.44 1.46 -15.78
C THR A 103 -11.67 2.38 -15.69
N ASP A 104 -12.58 2.23 -16.65
CA ASP A 104 -13.80 3.07 -16.75
C ASP A 104 -14.77 2.71 -15.62
N GLU A 105 -14.48 1.67 -14.84
CA GLU A 105 -15.35 1.20 -13.72
C GLU A 105 -15.17 2.08 -12.49
N ASP A 106 -14.15 2.94 -12.50
CA ASP A 106 -13.73 3.73 -11.32
C ASP A 106 -13.35 5.14 -11.78
N GLU A 107 -13.17 6.06 -10.82
CA GLU A 107 -12.70 7.45 -11.06
C GLU A 107 -11.20 7.52 -10.75
N ASP A 108 -10.48 8.28 -11.55
CA ASP A 108 -9.06 8.62 -11.31
C ASP A 108 -8.95 9.35 -9.98
N HIS A 109 -7.76 9.37 -9.41
CA HIS A 109 -7.48 10.11 -8.16
C HIS A 109 -6.23 10.91 -8.40
N VAL A 110 -6.20 12.13 -7.86
CA VAL A 110 -5.04 13.03 -8.05
C VAL A 110 -4.45 13.29 -6.66
N VAL A 111 -3.12 13.29 -6.59
CA VAL A 111 -2.35 13.74 -5.40
C VAL A 111 -1.37 14.84 -5.81
N ALA A 112 -0.89 15.58 -4.83
CA ALA A 112 0.21 16.56 -4.91
C ALA A 112 1.50 15.86 -4.44
N LEU A 113 2.49 15.71 -5.33
CA LEU A 113 3.79 15.09 -5.02
C LEU A 113 4.66 16.12 -4.31
N PHE A 114 5.54 15.66 -3.44
CA PHE A 114 6.61 16.47 -2.81
C PHE A 114 7.80 15.56 -2.51
N LYS A 115 8.95 16.19 -2.30
CA LYS A 115 10.22 15.52 -1.96
C LYS A 115 10.81 16.18 -0.72
N ILE A 116 11.32 15.34 0.17
CA ILE A 116 12.19 15.71 1.32
C ILE A 116 13.38 14.73 1.36
N ASP A 117 14.60 15.29 1.34
CA ASP A 117 15.91 14.58 1.31
C ASP A 117 15.87 13.50 0.24
N GLY A 118 15.51 13.84 -0.99
CA GLY A 118 15.58 12.91 -2.14
C GLY A 118 14.48 11.85 -2.20
N HIS A 119 13.48 11.89 -1.31
CA HIS A 119 12.42 10.85 -1.23
C HIS A 119 11.04 11.46 -1.50
N TRP A 120 10.23 10.77 -2.27
CA TRP A 120 8.87 11.22 -2.66
C TRP A 120 7.85 10.94 -1.56
N GLY A 121 6.98 11.92 -1.33
CA GLY A 121 5.74 11.79 -0.54
C GLY A 121 4.55 12.26 -1.37
N ALA A 122 3.34 12.19 -0.82
CA ALA A 122 2.12 12.62 -1.53
C ALA A 122 1.06 13.12 -0.54
N ILE A 123 0.49 14.27 -0.87
CA ILE A 123 -0.63 14.92 -0.14
C ILE A 123 -1.90 14.55 -0.93
N SER A 124 -2.94 14.08 -0.23
CA SER A 124 -4.14 13.45 -0.84
C SER A 124 -5.40 13.87 -0.07
N LYS A 125 -6.43 14.23 -0.82
CA LYS A 125 -7.75 14.59 -0.25
C LYS A 125 -8.73 13.49 -0.65
N THR A 126 -9.11 12.65 0.31
CA THR A 126 -10.08 11.55 0.07
C THR A 126 -10.95 11.40 1.32
N ASN A 127 -12.12 10.78 1.17
CA ASN A 127 -13.15 10.66 2.22
C ASN A 127 -13.05 9.29 2.90
N HIS A 128 -12.26 8.39 2.30
CA HIS A 128 -12.18 6.95 2.64
C HIS A 128 -10.78 6.61 3.16
N PRO A 129 -10.63 5.50 3.90
CA PRO A 129 -9.33 5.19 4.51
C PRO A 129 -8.34 4.51 3.54
N VAL A 130 -8.47 4.79 2.23
CA VAL A 130 -7.54 4.32 1.16
C VAL A 130 -7.10 5.54 0.34
N LEU A 131 -6.01 5.41 -0.42
CA LEU A 131 -5.45 6.51 -1.27
C LEU A 131 -5.18 7.74 -0.41
N ARG A 132 -4.55 7.54 0.73
CA ARG A 132 -4.24 8.60 1.72
C ARG A 132 -2.86 9.19 1.47
N TYR A 133 -2.48 10.13 2.32
CA TYR A 133 -1.14 10.73 2.46
C TYR A 133 -0.07 9.64 2.38
N ARG A 134 1.09 10.00 1.81
CA ARG A 134 2.30 9.18 1.81
C ARG A 134 3.46 10.00 2.35
N ASP A 135 4.13 9.47 3.37
CA ASP A 135 5.38 10.01 3.98
C ASP A 135 6.47 10.10 2.92
N PRO A 136 7.40 11.06 3.02
CA PRO A 136 8.50 11.18 2.06
C PRO A 136 9.56 10.10 2.27
N ILE A 137 9.28 8.87 1.85
CA ILE A 137 10.20 7.72 2.08
C ILE A 137 10.37 6.88 0.83
N TYR A 138 9.73 7.26 -0.28
CA TYR A 138 9.61 6.41 -1.49
C TYR A 138 10.74 6.87 -2.42
N LYS A 139 11.48 5.93 -2.98
CA LYS A 139 12.77 6.20 -3.67
C LYS A 139 12.49 6.67 -5.10
N SER A 140 11.27 6.49 -5.61
CA SER A 140 10.87 6.85 -7.00
C SER A 140 9.37 7.09 -7.04
N VAL A 141 8.91 7.82 -8.06
CA VAL A 141 7.48 8.06 -8.33
C VAL A 141 6.82 6.69 -8.47
N ARG A 142 7.45 5.76 -9.21
CA ARG A 142 6.91 4.41 -9.43
C ARG A 142 6.64 3.75 -8.07
N GLU A 143 7.62 3.79 -7.16
CA GLU A 143 7.52 3.06 -5.88
C GLU A 143 6.33 3.62 -5.09
N LEU A 144 6.18 4.95 -5.07
CA LEU A 144 5.06 5.64 -4.38
C LEU A 144 3.74 5.22 -5.00
N ALA A 145 3.65 5.25 -6.34
CA ALA A 145 2.41 4.93 -7.07
C ALA A 145 2.00 3.49 -6.78
N MET A 146 2.97 2.57 -6.71
CA MET A 146 2.69 1.13 -6.53
C MET A 146 2.16 0.89 -5.10
N SER A 147 2.45 1.80 -4.15
CA SER A 147 1.97 1.70 -2.74
C SER A 147 0.46 1.93 -2.66
N TYR A 148 -0.17 2.43 -3.74
CA TYR A 148 -1.63 2.65 -3.85
C TYR A 148 -2.35 1.46 -4.49
N PHE A 149 -1.64 0.61 -5.25
CA PHE A 149 -2.32 -0.28 -6.22
C PHE A 149 -3.34 -1.17 -5.48
N HIS A 150 -2.90 -1.84 -4.40
CA HIS A 150 -3.67 -2.93 -3.75
C HIS A 150 -4.95 -2.35 -3.12
N GLU A 151 -5.01 -1.06 -2.86
CA GLU A 151 -6.12 -0.45 -2.08
C GLU A 151 -7.00 0.38 -3.00
N TYR A 152 -6.87 0.18 -4.31
CA TYR A 152 -7.67 0.86 -5.36
C TYR A 152 -8.61 -0.16 -5.99
N PHE A 153 -9.80 -0.29 -5.42
CA PHE A 153 -10.74 -1.39 -5.79
C PHE A 153 -12.19 -0.92 -5.67
N ILE A 154 -13.07 -1.67 -6.29
CA ILE A 154 -14.53 -1.40 -6.29
C ILE A 154 -15.07 -1.90 -4.95
N TRP A 155 -15.55 -0.99 -4.11
CA TRP A 155 -16.10 -1.34 -2.78
C TRP A 155 -17.59 -0.95 -2.63
N TRP A 156 -18.18 -0.21 -3.58
CA TRP A 156 -19.48 0.52 -3.41
C TRP A 156 -20.61 -0.24 -4.09
N THR A 157 -20.31 -1.32 -4.81
CA THR A 157 -21.29 -2.18 -5.49
C THR A 157 -20.75 -3.61 -5.51
N LYS A 158 -21.63 -4.59 -5.69
CA LYS A 158 -21.29 -6.01 -5.85
C LYS A 158 -20.90 -6.26 -7.31
N LYS A 159 -21.24 -5.33 -8.20
CA LYS A 159 -20.91 -5.47 -9.64
C LYS A 159 -19.39 -5.30 -9.81
N ASN A 160 -18.67 -6.38 -10.10
CA ASN A 160 -17.18 -6.44 -10.05
C ASN A 160 -16.69 -6.04 -8.65
N GLY A 161 -17.45 -6.41 -7.61
CA GLY A 161 -17.06 -6.23 -6.20
C GLY A 161 -15.61 -6.61 -6.00
N GLY A 162 -14.81 -5.69 -5.46
CA GLY A 162 -13.42 -5.97 -5.04
C GLY A 162 -12.42 -5.92 -6.19
N LYS A 163 -12.87 -5.65 -7.42
CA LYS A 163 -11.95 -5.58 -8.59
C LYS A 163 -10.94 -4.44 -8.38
N LYS A 164 -9.67 -4.73 -8.59
CA LYS A 164 -8.55 -3.76 -8.50
C LYS A 164 -8.49 -3.00 -9.82
N THR A 165 -8.65 -1.68 -9.78
CA THR A 165 -8.95 -0.84 -10.97
C THR A 165 -7.80 0.08 -11.38
N LEU A 166 -6.68 0.15 -10.65
CA LEU A 166 -5.58 1.06 -11.04
C LEU A 166 -4.82 0.46 -12.21
N ARG A 167 -4.49 1.29 -13.20
CA ARG A 167 -3.86 0.84 -14.47
C ARG A 167 -2.63 1.69 -14.79
N ALA A 168 -2.52 2.93 -14.31
CA ALA A 168 -1.39 3.78 -14.68
C ALA A 168 -1.26 4.99 -13.77
N TYR A 169 -0.05 5.57 -13.71
CA TYR A 169 0.27 6.79 -12.94
C TYR A 169 0.95 7.78 -13.92
N SER A 170 0.72 9.07 -13.73
CA SER A 170 1.33 10.12 -14.57
C SER A 170 2.76 10.41 -14.09
N ASN A 171 3.59 10.89 -15.00
CA ASN A 171 4.75 11.72 -14.64
C ASN A 171 4.26 12.78 -13.69
N PRO A 172 5.13 13.31 -12.80
CA PRO A 172 4.83 14.54 -12.08
C PRO A 172 4.39 15.61 -13.09
N PHE A 173 3.28 16.29 -12.80
CA PHE A 173 2.62 17.29 -13.66
C PHE A 173 2.87 18.67 -13.05
N ASP A 174 3.82 19.42 -13.61
CA ASP A 174 4.28 20.72 -13.07
C ASP A 174 3.34 21.83 -13.56
N LEU A 175 2.60 22.43 -12.63
CA LEU A 175 1.60 23.50 -12.93
C LEU A 175 2.33 24.82 -13.28
N THR A 176 3.65 24.89 -13.09
CA THR A 176 4.51 26.05 -13.44
C THR A 176 4.37 26.39 -14.92
N ARG A 177 4.08 25.41 -15.78
CA ARG A 177 3.97 25.62 -17.25
C ARG A 177 2.84 26.62 -17.57
N TYR A 178 1.86 26.82 -16.68
CA TYR A 178 0.70 27.72 -16.92
C TYR A 178 0.92 29.04 -16.18
N LYS A 179 0.32 30.12 -16.69
CA LYS A 179 0.19 31.38 -15.94
C LYS A 179 -0.66 31.11 -14.70
N PRO A 180 -0.15 31.38 -13.49
CA PRO A 180 -0.88 31.05 -12.27
C PRO A 180 -2.32 31.61 -12.17
N GLU A 181 -2.61 32.76 -12.80
CA GLU A 181 -3.98 33.33 -12.91
C GLU A 181 -4.95 32.25 -13.43
N ARG A 182 -4.48 31.39 -14.34
CA ARG A 182 -5.31 30.44 -15.11
C ARG A 182 -5.96 29.40 -14.17
N TRP A 183 -5.41 29.15 -12.97
CA TRP A 183 -5.88 28.06 -12.06
C TRP A 183 -5.95 28.52 -10.60
N VAL A 184 -5.00 29.30 -10.10
CA VAL A 184 -4.93 29.64 -8.66
C VAL A 184 -6.19 30.39 -8.25
N ILE A 185 -6.67 31.32 -9.08
CA ILE A 185 -7.81 32.25 -8.73
C ILE A 185 -8.92 32.19 -9.78
N ALA A 186 -8.87 31.23 -10.70
CA ALA A 186 -9.88 31.05 -11.77
C ALA A 186 -11.28 31.00 -11.15
N THR A 187 -12.26 31.60 -11.82
CA THR A 187 -13.69 31.63 -11.42
C THR A 187 -14.44 30.60 -12.28
N GLY A 188 -13.87 30.23 -13.43
CA GLY A 188 -14.38 29.17 -14.31
C GLY A 188 -14.25 27.80 -13.68
N ASP A 189 -14.69 26.76 -14.38
CA ASP A 189 -14.30 25.35 -14.10
C ASP A 189 -13.01 25.10 -14.90
N LEU A 190 -12.08 24.39 -14.29
CA LEU A 190 -10.72 24.14 -14.84
C LEU A 190 -10.70 22.76 -15.51
N ASP A 191 -11.78 22.39 -16.19
CA ASP A 191 -11.89 21.10 -16.91
C ASP A 191 -10.71 20.97 -17.87
N TRP A 192 -10.23 22.08 -18.44
CA TRP A 192 -9.07 22.03 -19.38
C TRP A 192 -7.82 21.54 -18.64
N LEU A 193 -7.67 21.92 -17.36
CA LEU A 193 -6.53 21.51 -16.49
C LEU A 193 -6.62 20.00 -16.15
N ALA A 194 -7.80 19.50 -15.77
CA ALA A 194 -8.09 18.06 -15.58
C ALA A 194 -7.73 17.29 -16.86
N GLU A 195 -8.20 17.79 -18.00
CA GLU A 195 -7.99 17.16 -19.33
C GLU A 195 -6.50 17.15 -19.64
N ALA A 196 -5.78 18.22 -19.31
CA ALA A 196 -4.33 18.31 -19.62
C ALA A 196 -3.60 17.26 -18.75
N LEU A 197 -3.96 17.17 -17.46
CA LEU A 197 -3.42 16.12 -16.56
C LEU A 197 -3.72 14.72 -17.14
N ASP A 198 -4.97 14.44 -17.55
CA ASP A 198 -5.34 13.09 -18.04
C ASP A 198 -4.58 12.78 -19.33
N ASP A 199 -4.19 13.80 -20.09
CA ASP A 199 -3.54 13.64 -21.42
C ASP A 199 -2.01 13.52 -21.24
N SER A 200 -1.46 13.89 -20.09
CA SER A 200 0.02 13.89 -19.88
C SER A 200 0.57 12.44 -19.96
N LYS A 201 1.89 12.28 -20.03
CA LYS A 201 2.53 10.95 -20.06
C LYS A 201 2.07 10.14 -18.82
N HIS A 202 1.56 8.93 -19.03
CA HIS A 202 1.23 7.95 -17.98
C HIS A 202 2.08 6.71 -18.21
N PHE A 203 2.40 5.99 -17.14
CA PHE A 203 3.17 4.73 -17.16
C PHE A 203 2.25 3.59 -16.75
N PRO A 204 2.04 2.58 -17.62
CA PRO A 204 1.17 1.46 -17.29
C PRO A 204 1.78 0.64 -16.15
N ILE A 205 0.93 0.06 -15.29
CA ILE A 205 1.39 -0.78 -14.14
C ILE A 205 1.35 -2.25 -14.56
N LEU A 206 0.44 -2.61 -15.46
CA LEU A 206 0.19 -4.02 -15.88
C LEU A 206 0.41 -4.16 -17.39
N ASN A 207 0.60 -5.38 -17.84
CA ASN A 207 0.31 -5.86 -19.22
C ASN A 207 -0.91 -6.78 -19.13
N LYS A 208 -1.35 -7.37 -20.24
CA LYS A 208 -2.62 -8.13 -20.32
C LYS A 208 -2.51 -9.41 -19.47
N LYS A 209 -1.35 -10.09 -19.51
CA LYS A 209 -1.03 -11.28 -18.67
C LYS A 209 -1.20 -10.96 -17.19
N MET A 210 -0.57 -9.87 -16.71
CA MET A 210 -0.59 -9.49 -15.28
C MET A 210 -2.04 -9.19 -14.86
N GLN A 211 -2.80 -8.54 -15.73
CA GLN A 211 -4.19 -8.14 -15.42
C GLN A 211 -5.01 -9.41 -15.14
N LYS A 212 -4.74 -10.50 -15.87
CA LYS A 212 -5.46 -11.79 -15.72
C LYS A 212 -5.08 -12.45 -14.39
N GLN A 213 -3.91 -12.14 -13.84
CA GLN A 213 -3.48 -12.66 -12.52
C GLN A 213 -4.27 -12.00 -11.36
N LEU A 214 -4.80 -10.79 -11.53
CA LEU A 214 -5.28 -9.98 -10.38
C LEU A 214 -6.35 -10.74 -9.58
N ARG A 215 -6.33 -10.60 -8.27
CA ARG A 215 -7.27 -11.23 -7.33
C ARG A 215 -8.13 -10.11 -6.74
N PRO A 216 -9.46 -10.29 -6.62
CA PRO A 216 -10.29 -9.27 -6.01
C PRO A 216 -9.90 -9.04 -4.55
N ALA A 217 -10.04 -7.80 -4.08
CA ALA A 217 -9.96 -7.48 -2.64
C ALA A 217 -11.01 -8.30 -1.88
N SER A 218 -10.74 -8.61 -0.62
CA SER A 218 -11.65 -9.38 0.29
C SER A 218 -12.86 -8.53 0.69
N ARG A 219 -13.87 -9.18 1.27
CA ARG A 219 -15.08 -8.52 1.84
C ARG A 219 -14.66 -7.61 2.99
N ILE A 220 -13.71 -8.02 3.86
CA ILE A 220 -13.28 -7.15 5.00
C ILE A 220 -12.64 -5.86 4.44
N GLU A 221 -11.97 -5.96 3.30
CA GLU A 221 -11.27 -4.79 2.69
C GLU A 221 -12.31 -3.82 2.11
N THR A 222 -13.31 -4.33 1.37
CA THR A 222 -14.37 -3.48 0.76
C THR A 222 -15.22 -2.85 1.87
N LYS A 223 -15.51 -3.58 2.96
CA LYS A 223 -16.22 -2.98 4.13
C LYS A 223 -15.38 -1.86 4.73
N ALA A 224 -14.09 -2.08 4.96
CA ALA A 224 -13.20 -1.07 5.57
C ALA A 224 -13.09 0.16 4.66
N ALA A 225 -12.95 -0.03 3.35
CA ALA A 225 -12.81 1.08 2.36
C ALA A 225 -14.08 1.94 2.38
N SER A 226 -15.24 1.36 2.67
CA SER A 226 -16.56 2.04 2.64
C SER A 226 -16.71 3.07 3.76
N LEU A 227 -15.91 3.01 4.82
CA LEU A 227 -15.99 4.00 5.94
C LEU A 227 -15.72 5.41 5.40
N SER A 228 -16.37 6.41 6.00
CA SER A 228 -16.46 7.82 5.52
C SER A 228 -15.97 8.76 6.62
N GLU A 229 -15.13 9.70 6.25
CA GLU A 229 -14.69 10.80 7.13
C GLU A 229 -15.83 11.81 7.29
N TRP A 230 -16.51 12.16 6.18
CA TRP A 230 -17.55 13.21 6.10
C TRP A 230 -18.83 12.59 5.55
N PRO A 231 -20.02 12.77 6.17
CA PRO A 231 -20.25 13.83 7.15
C PRO A 231 -19.84 13.49 8.59
N GLN B 11 7.38 -29.17 -16.69
CA GLN B 11 6.92 -28.16 -15.67
C GLN B 11 8.16 -27.54 -14.98
N MET B 12 8.51 -28.03 -13.79
CA MET B 12 9.53 -27.43 -12.88
C MET B 12 10.92 -28.07 -13.10
N GLY B 13 11.96 -27.52 -12.47
CA GLY B 13 13.36 -27.96 -12.59
C GLY B 13 13.69 -29.16 -11.70
N ARG B 14 14.93 -29.65 -11.80
CA ARG B 14 15.44 -30.88 -11.13
C ARG B 14 15.33 -30.71 -9.61
N GLY B 15 15.89 -29.63 -9.10
CA GLY B 15 15.91 -29.31 -7.65
C GLY B 15 14.50 -29.30 -7.08
N SER B 16 13.57 -28.68 -7.82
CA SER B 16 12.15 -28.52 -7.43
C SER B 16 11.46 -29.88 -7.41
N MET B 17 11.68 -30.70 -8.45
CA MET B 17 11.04 -32.04 -8.54
C MET B 17 11.57 -32.89 -7.39
N HIS B 18 12.88 -32.87 -7.15
CA HIS B 18 13.53 -33.57 -5.99
C HIS B 18 12.88 -33.10 -4.69
N TYR B 19 12.84 -31.79 -4.44
CA TYR B 19 12.23 -31.19 -3.22
C TYR B 19 10.78 -31.66 -3.10
N LYS B 20 9.99 -31.62 -4.18
CA LYS B 20 8.60 -32.12 -4.15
C LYS B 20 8.57 -33.61 -3.73
N ALA B 21 9.48 -34.42 -4.27
CA ALA B 21 9.59 -35.87 -3.95
C ALA B 21 9.82 -36.04 -2.44
N GLN B 22 10.73 -35.26 -1.86
N GLN B 22 10.73 -35.22 -1.88
CA GLN B 22 11.04 -35.34 -0.41
CA GLN B 22 11.08 -35.21 -0.43
C GLN B 22 9.78 -34.98 0.38
C GLN B 22 9.84 -34.92 0.40
N LEU B 23 9.00 -33.98 -0.08
CA LEU B 23 7.75 -33.57 0.60
C LEU B 23 6.73 -34.70 0.54
N GLN B 24 6.61 -35.37 -0.61
CA GLN B 24 5.66 -36.48 -0.84
C GLN B 24 6.01 -37.67 0.09
N LYS B 25 7.28 -37.92 0.38
CA LYS B 25 7.68 -39.01 1.32
C LYS B 25 7.07 -38.73 2.71
N LEU B 26 6.96 -37.47 3.12
CA LEU B 26 6.56 -37.07 4.50
C LEU B 26 5.04 -36.94 4.64
N LEU B 27 4.31 -36.71 3.54
CA LEU B 27 2.89 -36.32 3.57
C LEU B 27 1.98 -37.53 3.34
N THR B 28 0.79 -37.49 3.93
CA THR B 28 -0.31 -38.48 3.75
C THR B 28 -1.00 -38.15 2.43
N THR B 29 -1.75 -39.10 1.92
CA THR B 29 -2.51 -38.99 0.64
C THR B 29 -3.52 -37.85 0.77
N GLU B 30 -4.11 -37.64 1.96
CA GLU B 30 -5.14 -36.59 2.21
C GLU B 30 -4.46 -35.22 2.05
N GLU B 31 -3.34 -35.01 2.74
CA GLU B 31 -2.51 -33.77 2.70
C GLU B 31 -2.10 -33.46 1.25
N LYS B 32 -1.69 -34.48 0.48
CA LYS B 32 -1.23 -34.30 -0.93
C LYS B 32 -2.42 -33.96 -1.83
N LYS B 33 -3.59 -34.53 -1.57
CA LYS B 33 -4.83 -34.26 -2.33
C LYS B 33 -5.20 -32.77 -2.16
N ILE B 34 -5.01 -32.23 -0.94
CA ILE B 34 -5.25 -30.80 -0.60
C ILE B 34 -4.24 -29.92 -1.34
N LEU B 35 -2.94 -30.21 -1.23
CA LEU B 35 -1.84 -29.42 -1.83
C LEU B 35 -1.94 -29.46 -3.37
N ALA B 36 -2.41 -30.57 -3.95
CA ALA B 36 -2.54 -30.74 -5.42
C ALA B 36 -3.58 -29.76 -5.96
N ARG B 37 -4.62 -29.47 -5.17
CA ARG B 37 -5.74 -28.55 -5.53
C ARG B 37 -5.23 -27.08 -5.54
N LEU B 38 -4.29 -26.75 -4.67
CA LEU B 38 -3.75 -25.36 -4.42
C LEU B 38 -2.62 -25.06 -5.42
N SER B 39 -2.96 -25.01 -6.71
CA SER B 39 -2.02 -25.07 -7.86
C SER B 39 -1.68 -23.67 -8.39
N THR B 40 -2.21 -22.62 -7.77
CA THR B 40 -1.83 -21.22 -8.06
C THR B 40 -1.69 -20.50 -6.73
N PRO B 41 -0.88 -19.42 -6.67
CA PRO B 41 -0.86 -18.56 -5.48
C PRO B 41 -2.25 -18.08 -5.04
N GLN B 42 -3.12 -17.76 -6.01
CA GLN B 42 -4.49 -17.25 -5.74
C GLN B 42 -5.29 -18.34 -5.03
N LYS B 43 -5.15 -19.59 -5.49
CA LYS B 43 -5.89 -20.73 -4.90
C LYS B 43 -5.41 -20.92 -3.47
N ILE B 44 -4.11 -20.72 -3.22
CA ILE B 44 -3.52 -20.86 -1.86
C ILE B 44 -4.14 -19.79 -0.94
N GLN B 45 -4.20 -18.53 -1.38
CA GLN B 45 -4.76 -17.44 -0.56
C GLN B 45 -6.24 -17.76 -0.26
N ASP B 46 -6.98 -18.20 -1.28
CA ASP B 46 -8.40 -18.62 -1.12
C ASP B 46 -8.48 -19.69 -0.03
N PHE B 47 -7.56 -20.66 -0.01
CA PHE B 47 -7.55 -21.73 1.02
C PHE B 47 -7.28 -21.12 2.38
N LEU B 48 -6.29 -20.23 2.52
CA LEU B 48 -5.98 -19.59 3.84
C LEU B 48 -7.18 -18.77 4.30
N ASP B 49 -8.01 -18.28 3.37
CA ASP B 49 -9.21 -17.46 3.72
C ASP B 49 -10.23 -18.33 4.46
N THR B 50 -10.25 -19.65 4.25
CA THR B 50 -11.18 -20.62 4.89
C THR B 50 -10.63 -21.07 6.25
N ILE B 51 -9.35 -20.76 6.57
CA ILE B 51 -8.71 -21.11 7.87
C ILE B 51 -9.01 -20.00 8.87
N LYS B 52 -9.38 -20.39 10.08
CA LYS B 52 -9.71 -19.46 11.18
C LYS B 52 -8.41 -18.76 11.60
N ASN B 53 -8.43 -17.43 11.73
CA ASN B 53 -7.27 -16.64 12.19
C ASN B 53 -7.18 -16.76 13.72
N LYS B 54 -5.96 -16.94 14.26
CA LYS B 54 -5.63 -16.76 15.69
C LYS B 54 -5.32 -15.28 15.95
N GLU B 60 -2.40 -17.94 24.88
CA GLU B 60 -1.34 -18.97 24.79
C GLU B 60 -0.25 -18.47 23.80
N HIS B 61 0.64 -19.36 23.36
CA HIS B 61 1.58 -19.16 22.23
C HIS B 61 1.81 -20.50 21.51
N THR B 62 1.80 -20.48 20.17
CA THR B 62 2.03 -21.67 19.30
C THR B 62 2.92 -21.29 18.12
N MET B 63 3.42 -22.30 17.40
CA MET B 63 4.12 -22.15 16.10
C MET B 63 4.00 -23.49 15.37
N TRP B 64 2.76 -23.80 14.99
CA TRP B 64 2.36 -25.08 14.35
C TRP B 64 3.01 -25.27 12.98
N SER B 65 3.27 -26.54 12.66
CA SER B 65 3.68 -27.05 11.33
C SER B 65 2.50 -26.93 10.37
N PRO B 66 2.76 -26.92 9.05
CA PRO B 66 1.68 -27.07 8.07
C PRO B 66 0.74 -28.27 8.31
N ARG B 67 1.28 -29.41 8.75
CA ARG B 67 0.47 -30.61 9.14
C ARG B 67 -0.55 -30.20 10.22
N ALA B 68 -0.09 -29.62 11.32
CA ALA B 68 -0.96 -29.19 12.44
C ALA B 68 -2.00 -28.19 11.93
N VAL B 69 -1.59 -27.23 11.09
CA VAL B 69 -2.53 -26.19 10.55
C VAL B 69 -3.60 -26.87 9.70
N LEU B 70 -3.25 -27.80 8.81
CA LEU B 70 -4.26 -28.52 8.00
C LEU B 70 -5.20 -29.35 8.88
N LYS B 71 -4.70 -29.89 10.02
CA LYS B 71 -5.48 -30.73 10.96
C LYS B 71 -6.51 -29.86 11.67
N HIS B 72 -6.08 -28.75 12.29
CA HIS B 72 -6.88 -27.89 13.21
C HIS B 72 -7.54 -26.69 12.50
N LYS B 73 -7.15 -26.38 11.26
CA LYS B 73 -7.70 -25.28 10.42
C LYS B 73 -7.75 -23.94 11.20
N HIS B 74 -6.63 -23.60 11.85
CA HIS B 74 -6.39 -22.40 12.70
C HIS B 74 -4.95 -21.94 12.43
N ALA B 75 -4.67 -20.63 12.30
CA ALA B 75 -3.30 -20.15 11.97
C ALA B 75 -3.11 -18.68 12.34
N HIS B 76 -1.97 -18.33 12.91
CA HIS B 76 -1.46 -16.93 12.94
C HIS B 76 -0.61 -16.72 11.67
N CYS B 77 0.06 -15.57 11.53
CA CYS B 77 0.60 -15.11 10.22
C CYS B 77 1.72 -16.08 9.77
N MET B 78 2.65 -16.45 10.66
CA MET B 78 3.79 -17.31 10.23
C MET B 78 3.30 -18.74 9.96
N GLU B 79 2.32 -19.22 10.71
CA GLU B 79 1.72 -20.55 10.45
C GLU B 79 1.08 -20.54 9.07
N GLY B 80 0.33 -19.48 8.75
CA GLY B 80 -0.28 -19.31 7.42
C GLY B 80 0.78 -19.29 6.33
N ALA B 81 1.87 -18.54 6.53
CA ALA B 81 2.93 -18.34 5.52
C ALA B 81 3.70 -19.64 5.30
N MET B 82 3.91 -20.44 6.34
CA MET B 82 4.65 -21.73 6.23
C MET B 82 3.81 -22.73 5.42
N LEU B 83 2.49 -22.75 5.65
CA LEU B 83 1.56 -23.60 4.86
C LEU B 83 1.58 -23.12 3.40
N ALA B 84 1.52 -21.81 3.16
CA ALA B 84 1.55 -21.22 1.82
C ALA B 84 2.84 -21.64 1.10
N ALA B 85 3.99 -21.48 1.76
CA ALA B 85 5.33 -21.85 1.26
C ALA B 85 5.35 -23.35 0.89
N LEU B 86 4.74 -24.19 1.73
CA LEU B 86 4.63 -25.65 1.46
C LEU B 86 3.86 -25.84 0.15
N ALA B 87 2.71 -25.20 0.01
CA ALA B 87 1.80 -25.39 -1.14
C ALA B 87 2.50 -24.87 -2.40
N LEU B 88 3.19 -23.74 -2.28
CA LEU B 88 3.96 -23.16 -3.40
C LEU B 88 5.04 -24.16 -3.85
N ALA B 89 5.77 -24.75 -2.91
CA ALA B 89 6.84 -25.73 -3.20
C ALA B 89 6.26 -26.99 -3.84
N TYR B 90 5.04 -27.39 -3.47
CA TYR B 90 4.40 -28.63 -4.01
C TYR B 90 4.11 -28.46 -5.50
N HIS B 91 4.00 -27.21 -5.97
CA HIS B 91 3.79 -26.88 -7.41
C HIS B 91 5.05 -26.22 -7.99
N GLY B 92 6.19 -26.24 -7.29
CA GLY B 92 7.52 -26.02 -7.90
C GLY B 92 8.13 -24.66 -7.61
N HIS B 93 7.44 -23.78 -6.88
CA HIS B 93 7.97 -22.47 -6.42
C HIS B 93 8.94 -22.70 -5.26
N SER B 94 9.89 -21.80 -5.03
CA SER B 94 10.70 -21.80 -3.78
C SER B 94 9.80 -21.50 -2.59
N PRO B 95 9.98 -22.22 -1.46
CA PRO B 95 9.23 -21.90 -0.23
C PRO B 95 9.89 -20.71 0.43
N LEU B 96 9.42 -19.50 0.10
CA LEU B 96 10.04 -18.22 0.54
C LEU B 96 9.15 -17.53 1.57
N LEU B 97 9.75 -17.09 2.67
CA LEU B 97 9.11 -16.21 3.67
C LEU B 97 9.77 -14.83 3.58
N MET B 98 8.98 -13.80 3.88
CA MET B 98 9.50 -12.43 4.11
C MET B 98 8.98 -11.97 5.46
N ASP B 99 9.91 -11.57 6.32
CA ASP B 99 9.64 -10.95 7.63
C ASP B 99 9.43 -9.46 7.43
N LEU B 100 8.38 -8.91 8.02
CA LEU B 100 8.14 -7.45 8.13
C LEU B 100 8.35 -7.08 9.59
N GLN B 101 9.39 -6.31 9.85
CA GLN B 101 9.93 -6.10 11.19
C GLN B 101 9.60 -4.67 11.64
N THR B 102 8.96 -4.56 12.80
CA THR B 102 8.47 -3.31 13.40
C THR B 102 9.34 -2.93 14.59
N THR B 103 9.13 -1.70 15.06
CA THR B 103 9.52 -1.24 16.41
C THR B 103 8.93 -2.17 17.47
N ASP B 104 9.41 -2.01 18.69
CA ASP B 104 8.97 -2.80 19.88
C ASP B 104 7.52 -2.44 20.26
N GLU B 105 6.91 -1.44 19.62
CA GLU B 105 5.53 -1.01 19.91
C GLU B 105 4.51 -1.92 19.21
N ASP B 106 4.98 -2.81 18.34
CA ASP B 106 4.13 -3.64 17.45
C ASP B 106 4.77 -5.03 17.32
N GLU B 107 4.03 -5.97 16.72
CA GLU B 107 4.43 -7.34 16.37
C GLU B 107 4.81 -7.38 14.88
N ASP B 108 5.85 -8.15 14.56
CA ASP B 108 6.30 -8.43 13.18
C ASP B 108 5.18 -9.17 12.48
N HIS B 109 5.24 -9.26 11.16
CA HIS B 109 4.29 -9.99 10.32
C HIS B 109 5.09 -10.79 9.30
N VAL B 110 4.63 -11.99 8.96
CA VAL B 110 5.32 -12.84 7.95
C VAL B 110 4.37 -13.09 6.79
N VAL B 111 4.88 -13.01 5.57
CA VAL B 111 4.20 -13.45 4.32
C VAL B 111 5.05 -14.50 3.60
N ALA B 112 4.41 -15.22 2.69
CA ALA B 112 5.04 -16.16 1.72
C ALA B 112 5.17 -15.44 0.37
N LEU B 113 6.41 -15.20 -0.09
CA LEU B 113 6.69 -14.55 -1.39
C LEU B 113 6.51 -15.56 -2.51
N PHE B 114 6.09 -15.08 -3.67
CA PHE B 114 6.04 -15.86 -4.93
C PHE B 114 6.28 -14.93 -6.11
N LYS B 115 6.64 -15.54 -7.24
CA LYS B 115 6.91 -14.81 -8.50
C LYS B 115 6.12 -15.48 -9.63
N ILE B 116 5.52 -14.63 -10.46
CA ILE B 116 4.90 -15.01 -11.75
C ILE B 116 5.36 -13.99 -12.80
N ASP B 117 5.92 -14.50 -13.92
CA ASP B 117 6.50 -13.75 -15.06
C ASP B 117 7.44 -12.65 -14.54
N GLY B 118 8.37 -12.98 -13.65
CA GLY B 118 9.39 -12.03 -13.17
C GLY B 118 8.91 -11.03 -12.12
N HIS B 119 7.66 -11.09 -11.64
CA HIS B 119 7.09 -10.08 -10.69
C HIS B 119 6.71 -10.74 -9.36
N TRP B 120 6.99 -10.06 -8.27
CA TRP B 120 6.75 -10.56 -6.89
C TRP B 120 5.30 -10.31 -6.47
N GLY B 121 4.71 -11.32 -5.84
CA GLY B 121 3.46 -11.26 -5.07
C GLY B 121 3.70 -11.75 -3.65
N ALA B 122 2.66 -11.78 -2.83
CA ALA B 122 2.76 -12.27 -1.44
C ALA B 122 1.41 -12.84 -0.98
N ILE B 123 1.47 -14.01 -0.37
CA ILE B 123 0.34 -14.67 0.34
C ILE B 123 0.48 -14.28 1.81
N SER B 124 -0.60 -13.83 2.43
CA SER B 124 -0.62 -13.28 3.81
C SER B 124 -1.85 -13.79 4.57
N LYS B 125 -1.64 -14.21 5.80
CA LYS B 125 -2.72 -14.62 6.71
C LYS B 125 -2.85 -13.55 7.79
N THR B 126 -3.89 -12.75 7.72
CA THR B 126 -4.17 -11.67 8.70
C THR B 126 -5.69 -11.56 8.89
N ASN B 127 -6.07 -11.01 10.03
CA ASN B 127 -7.47 -10.91 10.50
C ASN B 127 -8.06 -9.53 10.16
N HIS B 128 -7.23 -8.60 9.71
CA HIS B 128 -7.55 -7.15 9.53
C HIS B 128 -7.44 -6.78 8.06
N PRO B 129 -8.04 -5.65 7.62
CA PRO B 129 -8.01 -5.28 6.21
C PRO B 129 -6.70 -4.58 5.78
N VAL B 130 -5.59 -4.86 6.47
CA VAL B 130 -4.22 -4.36 6.16
C VAL B 130 -3.27 -5.56 6.09
N LEU B 131 -2.10 -5.40 5.46
CA LEU B 131 -1.06 -6.46 5.32
C LEU B 131 -1.67 -7.69 4.66
N ARG B 132 -2.41 -7.45 3.59
CA ARG B 132 -3.12 -8.51 2.83
C ARG B 132 -2.23 -9.05 1.71
N TYR B 133 -2.77 -10.03 1.01
CA TYR B 133 -2.29 -10.56 -0.28
C TYR B 133 -1.79 -9.41 -1.17
N ARG B 134 -0.75 -9.72 -1.94
CA ARG B 134 -0.22 -8.83 -3.01
C ARG B 134 -0.17 -9.63 -4.32
N ASP B 135 -0.75 -9.04 -5.35
CA ASP B 135 -0.73 -9.56 -6.74
C ASP B 135 0.70 -9.60 -7.24
N PRO B 136 1.04 -10.53 -8.16
CA PRO B 136 2.38 -10.61 -8.71
C PRO B 136 2.63 -9.50 -9.73
N ILE B 137 2.85 -8.27 -9.26
CA ILE B 137 3.00 -7.10 -10.17
C ILE B 137 4.18 -6.22 -9.75
N TYR B 138 4.88 -6.58 -8.69
CA TYR B 138 5.88 -5.71 -8.01
C TYR B 138 7.24 -6.13 -8.58
N LYS B 139 8.04 -5.14 -8.98
CA LYS B 139 9.25 -5.36 -9.80
C LYS B 139 10.41 -5.81 -8.93
N SER B 140 10.33 -5.62 -7.62
CA SER B 140 11.38 -6.03 -6.64
C SER B 140 10.74 -6.31 -5.28
N VAL B 141 11.46 -7.05 -4.44
CA VAL B 141 11.07 -7.33 -3.03
C VAL B 141 10.84 -5.98 -2.36
N ARG B 142 11.78 -5.03 -2.54
CA ARG B 142 11.69 -3.68 -1.94
C ARG B 142 10.32 -3.07 -2.29
N GLU B 143 9.95 -3.08 -3.57
CA GLU B 143 8.76 -2.36 -4.04
C GLU B 143 7.53 -2.98 -3.36
N LEU B 144 7.48 -4.32 -3.29
CA LEU B 144 6.38 -5.06 -2.62
C LEU B 144 6.33 -4.66 -1.14
N ALA B 145 7.48 -4.67 -0.45
CA ALA B 145 7.55 -4.40 1.00
C ALA B 145 7.07 -2.98 1.29
N MET B 146 7.40 -2.02 0.41
CA MET B 146 7.06 -0.60 0.63
C MET B 146 5.54 -0.42 0.46
N SER B 147 4.86 -1.33 -0.22
CA SER B 147 3.38 -1.29 -0.43
C SER B 147 2.65 -1.58 0.89
N TYR B 148 3.36 -2.06 1.92
CA TYR B 148 2.81 -2.34 3.26
C TYR B 148 3.02 -1.18 4.23
N PHE B 149 4.00 -0.30 3.95
CA PHE B 149 4.51 0.61 5.01
C PHE B 149 3.39 1.48 5.58
N HIS B 150 2.62 2.14 4.73
CA HIS B 150 1.64 3.19 5.15
C HIS B 150 0.53 2.57 6.00
N GLU B 151 0.32 1.26 5.92
CA GLU B 151 -0.87 0.62 6.53
C GLU B 151 -0.43 -0.24 7.72
N TYR B 152 0.82 -0.05 8.19
CA TYR B 152 1.39 -0.77 9.36
C TYR B 152 1.52 0.22 10.51
N PHE B 153 0.49 0.31 11.35
CA PHE B 153 0.39 1.42 12.35
C PHE B 153 -0.35 0.95 13.60
N ILE B 154 -0.20 1.73 14.66
CA ILE B 154 -0.85 1.50 15.98
C ILE B 154 -2.31 1.92 15.82
N TRP B 155 -3.23 0.97 15.92
CA TRP B 155 -4.68 1.23 15.80
C TRP B 155 -5.45 0.81 17.07
N TRP B 156 -4.81 0.23 18.09
CA TRP B 156 -5.48 -0.47 19.23
C TRP B 156 -5.41 0.36 20.51
N THR B 157 -4.70 1.49 20.51
CA THR B 157 -4.64 2.44 21.64
C THR B 157 -4.55 3.87 21.14
N LYS B 158 -4.90 4.83 21.99
CA LYS B 158 -4.78 6.28 21.73
C LYS B 158 -3.32 6.68 21.91
N LYS B 159 -2.58 5.91 22.71
CA LYS B 159 -1.14 6.13 23.01
C LYS B 159 -0.35 5.90 21.73
N ASN B 160 0.17 6.98 21.13
CA ASN B 160 0.83 6.95 19.80
C ASN B 160 -0.15 6.40 18.75
N GLY B 161 -1.43 6.70 18.90
CA GLY B 161 -2.47 6.40 17.90
C GLY B 161 -1.96 6.72 16.51
N GLY B 162 -1.98 5.73 15.63
CA GLY B 162 -1.67 5.92 14.20
C GLY B 162 -0.19 5.93 13.90
N LYS B 163 0.68 5.76 14.88
CA LYS B 163 2.15 5.74 14.64
C LYS B 163 2.50 4.60 13.66
N LYS B 164 3.26 4.91 12.63
CA LYS B 164 3.70 3.93 11.60
C LYS B 164 4.92 3.18 12.15
N THR B 165 4.84 1.85 12.27
CA THR B 165 5.78 1.04 13.08
C THR B 165 6.71 0.17 12.23
N LEU B 166 6.52 0.08 10.90
CA LEU B 166 7.37 -0.82 10.08
C LEU B 166 8.76 -0.18 9.92
N ARG B 167 9.82 -0.98 10.04
CA ARG B 167 11.22 -0.48 10.04
C ARG B 167 12.07 -1.29 9.07
N ALA B 168 11.78 -2.57 8.84
CA ALA B 168 12.63 -3.34 7.89
C ALA B 168 11.88 -4.54 7.32
N TYR B 169 12.39 -5.06 6.20
CA TYR B 169 11.91 -6.29 5.53
C TYR B 169 13.11 -7.22 5.33
N SER B 170 12.89 -8.52 5.43
CA SER B 170 13.92 -9.55 5.18
C SER B 170 14.14 -9.78 3.68
N ASN B 171 15.34 -10.18 3.30
CA ASN B 171 15.54 -10.95 2.05
C ASN B 171 14.54 -12.08 2.06
N PRO B 172 14.14 -12.59 0.87
CA PRO B 172 13.41 -13.85 0.77
C PRO B 172 14.17 -14.93 1.56
N PHE B 173 13.48 -15.62 2.45
CA PHE B 173 14.03 -16.64 3.37
C PHE B 173 13.61 -18.02 2.84
N ASP B 174 14.56 -18.73 2.21
CA ASP B 174 14.32 -20.02 1.52
C ASP B 174 14.38 -21.15 2.54
N LEU B 175 13.24 -21.79 2.80
CA LEU B 175 13.10 -22.90 3.78
C LEU B 175 13.77 -24.18 3.23
N THR B 176 14.19 -24.19 1.97
CA THR B 176 14.96 -25.30 1.34
C THR B 176 16.24 -25.59 2.11
N ARG B 177 16.82 -24.61 2.80
CA ARG B 177 18.10 -24.79 3.55
C ARG B 177 17.92 -25.82 4.67
N TYR B 178 16.70 -26.11 5.12
CA TYR B 178 16.43 -27.08 6.22
C TYR B 178 15.89 -28.39 5.64
N LYS B 179 16.10 -29.49 6.33
CA LYS B 179 15.44 -30.78 6.00
C LYS B 179 13.94 -30.57 6.22
N PRO B 180 13.09 -30.82 5.20
CA PRO B 180 11.66 -30.57 5.33
C PRO B 180 10.97 -31.24 6.52
N GLU B 181 11.46 -32.40 7.00
CA GLU B 181 11.02 -33.06 8.25
C GLU B 181 10.97 -32.04 9.39
N ARG B 182 11.96 -31.13 9.44
CA ARG B 182 12.20 -30.23 10.60
C ARG B 182 11.03 -29.24 10.78
N TRP B 183 10.23 -28.95 9.75
CA TRP B 183 9.16 -27.92 9.80
C TRP B 183 7.84 -28.39 9.19
N VAL B 184 7.85 -29.16 8.09
CA VAL B 184 6.61 -29.50 7.37
C VAL B 184 5.68 -30.33 8.28
N ILE B 185 6.23 -31.27 9.05
CA ILE B 185 5.44 -32.26 9.85
C ILE B 185 5.90 -32.26 11.32
N ALA B 186 6.72 -31.29 11.74
CA ALA B 186 7.17 -31.12 13.13
C ALA B 186 5.97 -31.17 14.09
N THR B 187 6.16 -31.79 15.25
CA THR B 187 5.16 -31.87 16.36
C THR B 187 5.57 -30.88 17.44
N GLY B 188 6.83 -30.44 17.45
CA GLY B 188 7.35 -29.40 18.36
C GLY B 188 6.78 -28.02 18.03
N ASP B 189 7.20 -27.00 18.77
CA ASP B 189 7.09 -25.58 18.32
C ASP B 189 8.36 -25.28 17.53
N LEU B 190 8.22 -24.52 16.44
CA LEU B 190 9.30 -24.20 15.49
C LEU B 190 9.88 -22.81 15.83
N ASP B 191 9.97 -22.48 17.13
CA ASP B 191 10.46 -21.15 17.57
C ASP B 191 11.87 -20.92 16.99
N TRP B 192 12.67 -21.98 16.81
CA TRP B 192 14.03 -21.87 16.20
C TRP B 192 13.91 -21.33 14.77
N LEU B 193 12.87 -21.71 14.03
CA LEU B 193 12.59 -21.27 12.64
C LEU B 193 12.20 -19.79 12.63
N ALA B 194 11.28 -19.36 13.50
CA ALA B 194 10.91 -17.93 13.71
C ALA B 194 12.16 -17.11 14.00
N GLU B 195 12.98 -17.61 14.92
CA GLU B 195 14.22 -16.92 15.37
C GLU B 195 15.19 -16.84 14.19
N ALA B 196 15.31 -17.89 13.38
CA ALA B 196 16.25 -17.90 12.24
C ALA B 196 15.77 -16.86 11.22
N LEU B 197 14.46 -16.81 10.97
CA LEU B 197 13.85 -15.77 10.09
C LEU B 197 14.19 -14.38 10.65
N ASP B 198 13.96 -14.15 11.95
CA ASP B 198 14.16 -12.80 12.54
C ASP B 198 15.65 -12.41 12.48
N ASP B 199 16.56 -13.39 12.43
CA ASP B 199 18.02 -13.14 12.48
C ASP B 199 18.59 -13.01 11.06
N SER B 200 17.84 -13.41 10.02
CA SER B 200 18.31 -13.35 8.62
C SER B 200 18.53 -11.90 8.19
N LYS B 201 19.14 -11.67 7.04
CA LYS B 201 19.40 -10.33 6.46
C LYS B 201 18.07 -9.57 6.37
N HIS B 202 18.00 -8.38 6.96
CA HIS B 202 16.89 -7.41 6.82
C HIS B 202 17.45 -6.12 6.23
N PHE B 203 16.61 -5.38 5.51
CA PHE B 203 16.93 -4.08 4.90
C PHE B 203 16.09 -3.00 5.56
N PRO B 204 16.71 -1.95 6.15
CA PRO B 204 15.94 -0.88 6.78
C PRO B 204 15.18 -0.06 5.71
N ILE B 205 14.01 0.46 6.06
CA ILE B 205 13.16 1.28 5.13
C ILE B 205 13.45 2.78 5.37
N LEU B 206 13.81 3.15 6.59
CA LEU B 206 14.05 4.54 7.02
C LEU B 206 15.49 4.70 7.51
N ASN B 207 15.95 5.96 7.59
CA ASN B 207 17.07 6.42 8.45
C ASN B 207 16.45 7.32 9.52
N LYS B 208 17.25 7.92 10.39
CA LYS B 208 16.77 8.66 11.58
C LYS B 208 16.06 9.94 11.14
N LYS B 209 16.58 10.64 10.12
CA LYS B 209 15.93 11.82 9.47
C LYS B 209 14.52 11.47 8.98
N MET B 210 14.38 10.38 8.21
CA MET B 210 13.08 10.00 7.59
C MET B 210 12.08 9.68 8.70
N GLN B 211 12.54 9.03 9.78
CA GLN B 211 11.67 8.60 10.89
C GLN B 211 11.02 9.85 11.49
N LYS B 212 11.77 10.96 11.57
CA LYS B 212 11.28 12.23 12.19
C LYS B 212 10.23 12.88 11.27
N GLN B 213 10.27 12.62 9.96
CA GLN B 213 9.25 13.13 9.01
C GLN B 213 7.89 12.41 9.18
N LEU B 214 7.83 11.20 9.75
CA LEU B 214 6.63 10.34 9.64
C LEU B 214 5.40 11.03 10.24
N ARG B 215 4.26 10.85 9.59
CA ARG B 215 2.95 11.40 10.03
C ARG B 215 2.10 10.24 10.52
N PRO B 216 1.43 10.37 11.68
CA PRO B 216 0.51 9.32 12.12
C PRO B 216 -0.62 9.12 11.11
N ALA B 217 -1.04 7.86 10.93
CA ALA B 217 -2.27 7.51 10.19
C ALA B 217 -3.46 8.24 10.85
N SER B 218 -4.47 8.57 10.04
CA SER B 218 -5.70 9.28 10.44
C SER B 218 -6.61 8.36 11.27
N ARG B 219 -7.61 8.96 11.88
CA ARG B 219 -8.59 8.29 12.77
C ARG B 219 -9.40 7.30 11.92
N ILE B 220 -9.80 7.70 10.71
CA ILE B 220 -10.60 6.83 9.79
C ILE B 220 -9.77 5.58 9.44
N GLU B 221 -8.45 5.72 9.34
CA GLU B 221 -7.54 4.61 8.97
C GLU B 221 -7.41 3.64 10.14
N THR B 222 -7.23 4.14 11.37
CA THR B 222 -7.11 3.27 12.58
C THR B 222 -8.45 2.56 12.83
N LYS B 223 -9.57 3.24 12.59
CA LYS B 223 -10.92 2.61 12.74
C LYS B 223 -11.03 1.48 11.71
N ALA B 224 -10.67 1.75 10.45
CA ALA B 224 -10.73 0.73 9.37
C ALA B 224 -9.84 -0.46 9.72
N ALA B 225 -8.61 -0.23 10.20
CA ALA B 225 -7.62 -1.30 10.48
C ALA B 225 -8.16 -2.22 11.58
N SER B 226 -8.92 -1.66 12.52
CA SER B 226 -9.47 -2.40 13.71
C SER B 226 -10.52 -3.44 13.31
N LEU B 227 -11.16 -3.35 12.15
CA LEU B 227 -12.17 -4.36 11.71
C LEU B 227 -11.53 -5.75 11.62
N SER B 228 -12.33 -6.80 11.92
CA SER B 228 -11.90 -8.21 12.12
C SER B 228 -12.65 -9.15 11.19
N GLU B 229 -11.93 -10.06 10.55
CA GLU B 229 -12.50 -11.12 9.69
C GLU B 229 -13.13 -12.21 10.58
N TRP B 230 -12.40 -12.63 11.63
CA TRP B 230 -12.77 -13.73 12.55
C TRP B 230 -12.89 -13.20 13.98
N PRO B 231 -14.00 -13.53 14.70
CA PRO B 231 -15.03 -14.47 14.22
C PRO B 231 -15.95 -13.97 13.09
N LYS B 232 -16.70 -14.90 12.49
CA LYS B 232 -17.81 -14.66 11.51
C LYS B 232 -17.23 -14.48 10.10
#